data_5J1P
#
_entry.id   5J1P
#
_cell.length_a   51.420
_cell.length_b   51.420
_cell.length_c   144.180
_cell.angle_alpha   90.00
_cell.angle_beta   90.00
_cell.angle_gamma   90.00
#
_symmetry.space_group_name_H-M   'P 41 21 2'
#
loop_
_entity.id
_entity.type
_entity.pdbx_description
1 polymer 'RNA-directed RNA polymerase L'
2 non-polymer 'MANGANESE (III) ION'
3 water water
#
_entity_poly.entity_id   1
_entity_poly.type   'polypeptide(L)'
_entity_poly.pdbx_seq_one_letter_code
;GMEEDIACVKDLVSKYLADNERLSRQKLAFLVQTEPRMLLMEGLKLLSLCIEIDSCNANGCEHNSEDKSVERILHDHGIL
TPSLCFVVPDGYKLTGNVLILLECFVRSSPANFEQKYIEDFKKLEQLKEDLKTVNISLIPLIDGRTSFYNEQIPDWVNDK
LRDTLFSLLRYAQES
;
_entity_poly.pdbx_strand_id   A
#
# COMPACT_ATOMS: atom_id res chain seq x y z
N GLY A 1 18.39 24.79 3.75
CA GLY A 1 18.72 24.32 2.39
C GLY A 1 18.33 22.86 2.25
N MET A 2 18.55 22.32 1.04
CA MET A 2 18.16 20.96 0.69
C MET A 2 18.65 19.88 1.67
N GLU A 3 19.92 19.94 2.07
CA GLU A 3 20.50 18.94 2.99
C GLU A 3 19.86 18.96 4.38
N GLU A 4 19.62 20.17 4.89
CA GLU A 4 19.00 20.40 6.20
C GLU A 4 17.58 19.86 6.19
N ASP A 5 16.86 20.08 5.09
CA ASP A 5 15.49 19.58 4.90
C ASP A 5 15.38 18.05 4.93
N ILE A 6 16.32 17.38 4.25
CA ILE A 6 16.34 15.91 4.20
C ILE A 6 16.60 15.35 5.60
N ALA A 7 17.62 15.90 6.28
CA ALA A 7 17.96 15.50 7.64
C ALA A 7 16.76 15.67 8.54
N CYS A 8 16.09 16.82 8.41
CA CYS A 8 14.93 17.17 9.22
C CYS A 8 13.77 16.20 9.00
N VAL A 9 13.41 15.90 7.74
CA VAL A 9 12.35 14.88 7.52
C VAL A 9 12.75 13.49 8.05
N LYS A 10 14.01 13.08 7.88
CA LYS A 10 14.49 11.82 8.48
C LYS A 10 14.29 11.82 10.00
N ASP A 11 14.61 12.94 10.64
CA ASP A 11 14.41 13.08 12.09
C ASP A 11 12.93 13.01 12.45
N LEU A 12 12.07 13.70 11.67
CA LEU A 12 10.61 13.69 11.89
C LEU A 12 9.99 12.31 11.70
N VAL A 13 10.43 11.61 10.65
CA VAL A 13 10.01 10.24 10.40
C VAL A 13 10.45 9.37 11.58
N SER A 14 11.70 9.54 12.00
CA SER A 14 12.28 8.78 13.10
C SER A 14 11.51 8.98 14.40
N LYS A 15 11.17 10.24 14.70
CA LYS A 15 10.52 10.60 15.96
C LYS A 15 9.05 10.21 15.94
N TYR A 16 8.37 10.52 14.84
CA TYR A 16 6.91 10.61 14.88
C TYR A 16 6.15 9.53 14.16
N LEU A 17 6.85 8.63 13.48
CA LEU A 17 6.19 7.49 12.87
C LEU A 17 5.74 6.65 14.03
N ALA A 18 4.49 6.18 13.94
CA ALA A 18 3.88 5.24 14.89
C ALA A 18 4.73 4.00 15.11
N ASP A 19 5.05 3.71 16.38
CA ASP A 19 5.99 2.68 16.70
C ASP A 19 5.25 1.43 16.23
N ASN A 20 5.67 0.85 15.14
CA ASN A 20 4.90 -0.29 14.72
C ASN A 20 5.84 -1.22 14.05
N GLU A 21 6.01 -2.40 14.62
CA GLU A 21 6.94 -3.32 14.01
C GLU A 21 6.69 -3.47 12.50
N ARG A 22 5.43 -3.31 12.08
CA ARG A 22 5.05 -3.50 10.68
C ARG A 22 5.56 -2.41 9.74
N LEU A 23 6.03 -1.29 10.30
CA LEU A 23 6.64 -0.24 9.52
C LEU A 23 8.16 -0.20 9.64
N SER A 24 8.77 -0.94 10.57
CA SER A 24 10.20 -0.76 10.84
C SER A 24 11.13 -1.08 9.65
N ARG A 25 10.84 -2.16 8.91
CA ARG A 25 11.63 -2.53 7.73
C ARG A 25 11.66 -1.40 6.69
N GLN A 26 10.50 -0.83 6.39
CA GLN A 26 10.38 0.20 5.37
C GLN A 26 10.87 1.58 5.84
N LYS A 27 10.65 1.88 7.13
CA LYS A 27 11.22 3.05 7.81
C LYS A 27 12.73 3.15 7.62
N LEU A 28 13.42 2.04 7.93
CA LEU A 28 14.85 1.92 7.73
C LEU A 28 15.20 2.02 6.25
N ALA A 29 14.42 1.38 5.38
CA ALA A 29 14.76 1.41 3.95
C ALA A 29 14.75 2.86 3.48
N PHE A 30 13.89 3.67 4.09
CA PHE A 30 13.85 5.12 3.81
C PHE A 30 15.02 5.88 4.44
N LEU A 31 15.27 5.65 5.72
CA LEU A 31 16.29 6.39 6.48
C LEU A 31 17.72 6.22 5.95
N VAL A 32 18.05 5.02 5.45
CA VAL A 32 19.42 4.76 4.98
C VAL A 32 19.82 5.41 3.64
N GLN A 33 18.84 5.89 2.87
CA GLN A 33 19.08 6.49 1.55
C GLN A 33 19.72 7.87 1.58
N THR A 34 20.49 8.14 0.52
CA THR A 34 21.31 9.33 0.28
C THR A 34 20.89 9.99 -1.04
N GLU A 35 20.64 9.16 -2.05
CA GLU A 35 20.35 9.65 -3.40
C GLU A 35 18.89 10.06 -3.59
N PRO A 36 18.66 11.23 -4.22
CA PRO A 36 17.28 11.73 -4.38
C PRO A 36 16.26 10.71 -4.90
N ARG A 37 16.60 9.97 -5.96
CA ARG A 37 15.76 8.88 -6.51
C ARG A 37 15.36 7.84 -5.46
N MET A 38 16.31 7.45 -4.61
CA MET A 38 16.08 6.43 -3.59
C MET A 38 15.20 6.98 -2.46
N LEU A 39 15.45 8.24 -2.09
CA LEU A 39 14.64 8.95 -1.12
C LEU A 39 13.16 9.06 -1.53
N LEU A 40 12.85 9.55 -2.75
CA LEU A 40 11.52 9.34 -3.37
C LEU A 40 11.04 7.92 -3.20
N MET A 41 11.66 6.98 -3.90
CA MET A 41 11.09 5.65 -3.98
C MET A 41 10.71 5.15 -2.58
N GLU A 42 11.66 5.21 -1.66
CA GLU A 42 11.47 4.58 -0.37
C GLU A 42 10.56 5.38 0.55
N GLY A 43 10.58 6.71 0.42
CA GLY A 43 9.65 7.58 1.13
C GLY A 43 8.21 7.40 0.68
N LEU A 44 8.01 7.33 -0.64
CA LEU A 44 6.69 7.03 -1.23
C LEU A 44 6.21 5.65 -0.84
N LYS A 45 7.10 4.65 -0.89
CA LYS A 45 6.83 3.30 -0.38
C LYS A 45 6.38 3.28 1.09
N LEU A 46 7.04 4.09 1.92
CA LEU A 46 6.72 4.17 3.32
C LEU A 46 5.32 4.71 3.55
N LEU A 47 4.99 5.83 2.90
CA LEU A 47 3.63 6.36 2.86
C LEU A 47 2.56 5.38 2.35
N SER A 48 2.85 4.68 1.25
CA SER A 48 1.94 3.65 0.75
C SER A 48 1.68 2.52 1.75
N LEU A 49 2.73 2.10 2.47
CA LEU A 49 2.60 1.06 3.48
C LEU A 49 1.69 1.51 4.64
N CYS A 50 1.83 2.77 5.07
CA CYS A 50 0.98 3.34 6.12
C CYS A 50 -0.48 3.27 5.70
N ILE A 51 -0.76 3.69 4.47
CA ILE A 51 -2.11 3.61 3.91
C ILE A 51 -2.62 2.16 3.81
N GLU A 52 -1.79 1.23 3.37
CA GLU A 52 -2.19 -0.19 3.30
C GLU A 52 -2.63 -0.74 4.64
N ILE A 53 -1.84 -0.46 5.69
CA ILE A 53 -2.14 -0.93 7.03
C ILE A 53 -3.46 -0.35 7.54
N ASP A 54 -3.66 0.96 7.34
CA ASP A 54 -4.90 1.67 7.67
C ASP A 54 -6.09 1.08 6.92
N SER A 55 -5.93 0.88 5.62
CA SER A 55 -6.99 0.40 4.75
C SER A 55 -7.41 -1.02 5.11
N CYS A 56 -6.45 -1.89 5.40
CA CYS A 56 -6.76 -3.24 5.92
C CYS A 56 -7.53 -3.19 7.24
N ASN A 57 -7.10 -2.34 8.19
CA ASN A 57 -7.77 -2.22 9.48
C ASN A 57 -9.19 -1.72 9.30
N ALA A 58 -9.33 -0.66 8.48
CA ALA A 58 -10.65 -0.09 8.18
C ALA A 58 -11.61 -1.11 7.60
N ASN A 59 -11.09 -2.05 6.83
CA ASN A 59 -11.89 -2.99 6.05
C ASN A 59 -11.86 -4.42 6.58
N GLY A 60 -11.41 -4.62 7.81
CA GLY A 60 -11.35 -5.95 8.44
C GLY A 60 -10.53 -7.01 7.71
N CYS A 61 -9.48 -6.58 7.02
CA CYS A 61 -8.62 -7.47 6.24
C CYS A 61 -7.27 -7.73 6.89
N GLU A 62 -6.70 -8.88 6.56
CA GLU A 62 -5.32 -9.18 6.88
C GLU A 62 -4.44 -8.45 5.86
N HIS A 63 -3.42 -7.76 6.37
CA HIS A 63 -2.40 -7.13 5.55
C HIS A 63 -1.49 -8.19 4.94
N ASN A 64 -1.32 -8.12 3.63
CA ASN A 64 -0.55 -9.08 2.87
C ASN A 64 0.99 -8.82 2.91
N SER A 65 1.54 -8.75 4.12
CA SER A 65 2.94 -8.40 4.35
C SER A 65 3.94 -9.39 3.73
N GLU A 66 3.48 -10.60 3.48
CA GLU A 66 4.32 -11.65 2.91
C GLU A 66 4.15 -11.75 1.40
N ASP A 67 3.46 -10.75 0.83
CA ASP A 67 3.24 -10.62 -0.61
C ASP A 67 2.72 -11.90 -1.26
N LYS A 68 1.69 -12.50 -0.66
CA LYS A 68 1.12 -13.74 -1.17
C LYS A 68 0.22 -13.45 -2.38
N SER A 69 0.36 -14.27 -3.41
CA SER A 69 -0.53 -14.23 -4.55
C SER A 69 -1.86 -14.83 -4.10
N VAL A 70 -2.93 -14.50 -4.82
CA VAL A 70 -4.26 -15.10 -4.57
C VAL A 70 -4.22 -16.63 -4.57
N GLU A 71 -3.51 -17.20 -5.56
CA GLU A 71 -3.33 -18.65 -5.73
C GLU A 71 -2.72 -19.30 -4.50
N ARG A 72 -1.85 -18.55 -3.83
CA ARG A 72 -1.13 -19.02 -2.64
C ARG A 72 -2.00 -18.91 -1.40
N ILE A 73 -2.71 -17.79 -1.32
CA ILE A 73 -3.71 -17.55 -0.30
C ILE A 73 -4.70 -18.73 -0.28
N LEU A 74 -5.14 -19.19 -1.45
CA LEU A 74 -6.07 -20.33 -1.53
C LEU A 74 -5.41 -21.65 -1.16
N HIS A 75 -4.21 -21.89 -1.68
CA HIS A 75 -3.40 -23.07 -1.36
C HIS A 75 -3.20 -23.16 0.16
N ASP A 76 -2.92 -22.04 0.78
CA ASP A 76 -2.86 -22.01 2.21
C ASP A 76 -4.17 -22.36 2.94
N HIS A 77 -5.32 -22.22 2.28
CA HIS A 77 -6.56 -22.68 2.91
C HIS A 77 -6.99 -24.02 2.30
N GLY A 78 -6.01 -24.79 1.84
CA GLY A 78 -6.23 -26.09 1.18
C GLY A 78 -7.06 -26.12 -0.09
N ILE A 79 -7.37 -24.94 -0.65
CA ILE A 79 -8.15 -24.79 -1.89
C ILE A 79 -7.21 -24.83 -3.10
N LEU A 80 -7.63 -25.65 -4.07
CA LEU A 80 -6.80 -26.17 -5.17
C LEU A 80 -7.10 -25.41 -6.48
N THR A 81 -6.08 -24.83 -7.15
CA THR A 81 -6.23 -24.31 -8.54
C THR A 81 -4.91 -24.10 -9.30
N LEU A 84 -4.97 -19.20 -12.59
CA LEU A 84 -5.28 -17.82 -12.19
C LEU A 84 -4.26 -16.80 -12.68
N CYS A 85 -4.78 -15.62 -13.04
CA CYS A 85 -3.98 -14.41 -13.22
C CYS A 85 -3.21 -14.12 -11.94
N PHE A 86 -1.99 -13.66 -12.07
CA PHE A 86 -1.14 -13.39 -10.93
C PHE A 86 -1.54 -12.04 -10.34
N VAL A 87 -1.95 -12.08 -9.08
CA VAL A 87 -2.46 -10.94 -8.33
C VAL A 87 -1.91 -11.05 -6.91
N VAL A 88 -1.31 -9.97 -6.43
CA VAL A 88 -0.86 -9.88 -5.05
C VAL A 88 -1.65 -8.75 -4.38
N PRO A 89 -2.74 -9.10 -3.64
CA PRO A 89 -3.59 -8.04 -3.06
C PRO A 89 -2.92 -7.28 -1.91
N ASP A 90 -3.37 -6.04 -1.69
CA ASP A 90 -2.90 -5.26 -0.54
C ASP A 90 -3.38 -5.88 0.76
N GLY A 91 -4.64 -6.34 0.77
CA GLY A 91 -5.23 -7.04 1.89
C GLY A 91 -6.20 -8.13 1.48
N TYR A 92 -6.47 -9.04 2.40
CA TYR A 92 -7.39 -10.15 2.13
C TYR A 92 -8.11 -10.67 3.38
N LYS A 93 -9.25 -11.30 3.15
CA LYS A 93 -9.90 -12.17 4.14
C LYS A 93 -10.63 -13.34 3.48
N LEU A 94 -10.28 -14.57 3.90
CA LEU A 94 -11.05 -15.78 3.54
C LEU A 94 -11.84 -16.38 4.68
N THR A 95 -13.15 -16.39 4.45
CA THR A 95 -14.15 -16.90 5.38
C THR A 95 -14.96 -17.93 4.59
N GLY A 96 -14.70 -19.20 4.88
CA GLY A 96 -15.29 -20.33 4.15
C GLY A 96 -15.00 -20.25 2.67
N ASN A 97 -16.04 -19.99 1.88
CA ASN A 97 -15.93 -19.85 0.43
C ASN A 97 -16.02 -18.39 -0.07
N VAL A 98 -16.08 -17.46 0.89
CA VAL A 98 -16.12 -16.02 0.59
C VAL A 98 -14.74 -15.36 0.79
N LEU A 99 -14.19 -14.88 -0.32
CA LEU A 99 -12.88 -14.25 -0.36
C LEU A 99 -13.01 -12.75 -0.62
N ILE A 100 -12.68 -11.98 0.42
CA ILE A 100 -12.53 -10.53 0.30
C ILE A 100 -11.10 -10.21 -0.16
N LEU A 101 -10.98 -9.48 -1.26
CA LEU A 101 -9.70 -8.89 -1.68
C LEU A 101 -9.74 -7.37 -1.67
N LEU A 102 -8.69 -6.80 -1.07
CA LEU A 102 -8.53 -5.36 -0.94
C LEU A 102 -7.37 -4.81 -1.77
N GLU A 103 -7.69 -3.88 -2.66
CA GLU A 103 -6.72 -3.07 -3.36
C GLU A 103 -6.87 -1.64 -2.89
N CYS A 104 -5.78 -1.05 -2.42
CA CYS A 104 -5.81 0.36 -2.11
C CYS A 104 -4.67 1.06 -2.82
N PHE A 105 -4.84 2.36 -3.01
CA PHE A 105 -3.84 3.19 -3.67
C PHE A 105 -4.12 4.66 -3.36
N VAL A 106 -3.14 5.50 -3.67
CA VAL A 106 -3.26 6.96 -3.61
C VAL A 106 -2.88 7.58 -4.95
N ARG A 107 -3.79 8.39 -5.50
CA ARG A 107 -3.45 9.27 -6.64
C ARG A 107 -4.01 10.70 -6.47
N SER A 108 -3.15 11.68 -6.78
CA SER A 108 -3.44 13.14 -6.67
C SER A 108 -4.29 13.75 -7.79
N SER A 109 -4.05 13.32 -9.03
CA SER A 109 -4.77 13.83 -10.18
C SER A 109 -5.91 12.89 -10.57
N PRO A 110 -7.11 13.43 -10.90
CA PRO A 110 -8.24 12.56 -11.23
C PRO A 110 -7.99 11.59 -12.39
N ALA A 111 -7.21 12.04 -13.38
CA ALA A 111 -6.85 11.20 -14.52
C ALA A 111 -6.07 9.98 -14.07
N ASN A 112 -5.07 10.19 -13.22
CA ASN A 112 -4.27 9.09 -12.68
C ASN A 112 -5.09 8.17 -11.78
N PHE A 113 -5.97 8.80 -10.99
CA PHE A 113 -6.84 8.11 -10.05
C PHE A 113 -7.74 7.17 -10.82
N GLU A 114 -8.39 7.67 -11.86
CA GLU A 114 -9.23 6.85 -12.73
C GLU A 114 -8.48 5.71 -13.42
N GLN A 115 -7.29 6.01 -13.95
CA GLN A 115 -6.48 5.01 -14.66
C GLN A 115 -6.15 3.88 -13.71
N LYS A 116 -5.68 4.22 -12.52
CA LYS A 116 -5.37 3.23 -11.49
C LYS A 116 -6.63 2.53 -10.97
N TYR A 117 -7.72 3.28 -10.78
CA TYR A 117 -8.96 2.65 -10.34
C TYR A 117 -9.41 1.59 -11.36
N ILE A 118 -9.45 1.96 -12.65
CA ILE A 118 -9.81 1.03 -13.74
C ILE A 118 -8.95 -0.23 -13.72
N GLU A 119 -7.62 -0.06 -13.57
CA GLU A 119 -6.64 -1.16 -13.55
C GLU A 119 -6.91 -2.15 -12.44
N ASP A 120 -7.02 -1.63 -11.21
CA ASP A 120 -7.34 -2.45 -10.03
C ASP A 120 -8.72 -3.13 -10.16
N PHE A 121 -9.72 -2.42 -10.70
CA PHE A 121 -11.06 -2.98 -10.87
C PHE A 121 -11.07 -4.15 -11.85
N LYS A 122 -10.48 -3.95 -13.02
CA LYS A 122 -10.40 -4.99 -14.05
C LYS A 122 -9.57 -6.18 -13.59
N LYS A 123 -8.44 -5.89 -12.93
CA LYS A 123 -7.60 -6.92 -12.32
C LYS A 123 -8.43 -7.85 -11.40
N LEU A 124 -9.19 -7.28 -10.46
CA LEU A 124 -10.06 -8.10 -9.59
C LEU A 124 -11.23 -8.76 -10.30
N GLU A 125 -11.85 -8.07 -11.27
CA GLU A 125 -12.96 -8.64 -12.06
C GLU A 125 -12.55 -9.90 -12.85
N GLN A 126 -11.34 -9.88 -13.40
CA GLN A 126 -10.73 -11.01 -14.12
C GLN A 126 -10.55 -12.23 -13.22
N LEU A 127 -10.37 -12.00 -11.92
CA LEU A 127 -10.22 -13.08 -10.95
C LEU A 127 -11.51 -13.78 -10.60
N LYS A 128 -12.62 -13.07 -10.76
CA LYS A 128 -13.94 -13.45 -10.28
C LYS A 128 -14.42 -14.66 -11.06
N GLU A 129 -14.35 -14.56 -12.38
CA GLU A 129 -14.67 -15.66 -13.31
C GLU A 129 -13.82 -16.93 -13.10
N ASP A 130 -12.53 -16.77 -12.84
CA ASP A 130 -11.68 -17.94 -12.61
C ASP A 130 -11.92 -18.61 -11.24
N LEU A 131 -12.15 -17.80 -10.20
CA LEU A 131 -12.46 -18.29 -8.86
C LEU A 131 -13.78 -19.07 -8.75
N LYS A 132 -14.75 -18.72 -9.60
CA LYS A 132 -16.05 -19.44 -9.70
C LYS A 132 -15.88 -20.92 -9.95
N THR A 133 -14.90 -21.25 -10.79
CA THR A 133 -14.60 -22.62 -11.12
C THR A 133 -14.14 -23.42 -9.87
N VAL A 134 -13.60 -22.75 -8.85
CA VAL A 134 -13.29 -23.46 -7.60
C VAL A 134 -14.29 -23.16 -6.45
N ASN A 135 -15.47 -22.64 -6.82
CA ASN A 135 -16.54 -22.35 -5.87
C ASN A 135 -16.18 -21.27 -4.81
N ILE A 136 -15.33 -20.33 -5.23
CA ILE A 136 -14.97 -19.17 -4.42
C ILE A 136 -15.73 -17.95 -4.94
N SER A 137 -16.49 -17.33 -4.04
CA SER A 137 -17.12 -16.04 -4.26
C SER A 137 -16.14 -14.92 -3.91
N LEU A 138 -15.98 -14.00 -4.85
CA LEU A 138 -15.08 -12.87 -4.68
C LEU A 138 -15.85 -11.61 -4.29
N ILE A 139 -15.45 -10.99 -3.19
CA ILE A 139 -15.88 -9.63 -2.87
C ILE A 139 -14.69 -8.68 -3.06
N PRO A 140 -14.66 -7.94 -4.19
CA PRO A 140 -13.57 -7.03 -4.50
C PRO A 140 -13.76 -5.62 -3.90
N LEU A 141 -12.79 -5.17 -3.11
CA LEU A 141 -12.84 -3.84 -2.49
C LEU A 141 -11.69 -2.96 -2.95
N ILE A 142 -12.02 -1.78 -3.47
CA ILE A 142 -11.01 -0.81 -3.90
C ILE A 142 -11.06 0.47 -3.05
N ASP A 143 -10.01 0.64 -2.25
CA ASP A 143 -9.84 1.83 -1.42
C ASP A 143 -8.90 2.84 -2.09
N GLY A 144 -9.49 3.60 -3.02
CA GLY A 144 -8.79 4.64 -3.78
C GLY A 144 -8.84 5.95 -3.05
N ARG A 145 -7.64 6.48 -2.77
CA ARG A 145 -7.48 7.71 -2.02
C ARG A 145 -6.81 8.80 -2.83
N THR A 146 -7.17 10.05 -2.50
CA THR A 146 -6.61 11.23 -3.14
C THR A 146 -5.54 11.87 -2.25
N SER A 147 -5.48 11.44 -1.00
CA SER A 147 -4.62 12.02 0.01
C SER A 147 -3.72 10.94 0.62
N PHE A 148 -2.54 11.36 1.08
CA PHE A 148 -1.57 10.48 1.74
C PHE A 148 -1.74 10.45 3.25
N TYR A 149 -2.64 11.28 3.79
CA TYR A 149 -2.85 11.32 5.24
C TYR A 149 -3.31 9.99 5.78
N ASN A 150 -2.84 9.67 6.97
CA ASN A 150 -3.00 8.34 7.51
C ASN A 150 -2.83 8.37 9.02
N GLU A 151 -3.07 7.23 9.65
CA GLU A 151 -3.04 7.13 11.10
C GLU A 151 -1.66 6.77 11.66
N GLN A 152 -0.68 6.59 10.77
CA GLN A 152 0.65 6.15 11.22
C GLN A 152 1.64 7.31 11.41
N ILE A 153 1.23 8.50 11.00
CA ILE A 153 2.12 9.66 10.99
C ILE A 153 1.27 10.95 11.10
N PRO A 154 1.66 11.91 11.98
CA PRO A 154 0.88 13.16 12.04
C PRO A 154 0.85 13.89 10.69
N ASP A 155 -0.28 14.49 10.36
CA ASP A 155 -0.45 15.21 9.10
C ASP A 155 0.64 16.25 8.81
N TRP A 156 1.09 16.97 9.84
CA TRP A 156 2.10 18.01 9.68
C TRP A 156 3.48 17.44 9.25
N VAL A 157 3.82 16.27 9.79
CA VAL A 157 5.03 15.53 9.40
C VAL A 157 4.89 15.08 7.95
N ASN A 158 3.74 14.47 7.65
CA ASN A 158 3.36 14.05 6.31
C ASN A 158 3.60 15.13 5.26
N ASP A 159 3.11 16.34 5.54
CA ASP A 159 3.27 17.51 4.66
C ASP A 159 4.73 17.88 4.38
N LYS A 160 5.54 17.96 5.44
CA LYS A 160 6.97 18.22 5.33
C LYS A 160 7.67 17.13 4.50
N LEU A 161 7.40 15.86 4.80
CA LEU A 161 7.88 14.73 3.98
C LEU A 161 7.54 14.87 2.49
N ARG A 162 6.27 15.05 2.14
CA ARG A 162 5.90 15.14 0.71
C ARG A 162 6.51 16.36 0.01
N ASP A 163 6.61 17.49 0.72
CA ASP A 163 7.24 18.70 0.16
C ASP A 163 8.70 18.46 -0.16
N THR A 164 9.40 17.82 0.77
CA THR A 164 10.81 17.46 0.61
C THR A 164 10.97 16.49 -0.56
N LEU A 165 10.10 15.46 -0.61
CA LEU A 165 10.04 14.54 -1.74
C LEU A 165 9.77 15.25 -3.08
N PHE A 166 8.82 16.17 -3.11
CA PHE A 166 8.57 17.00 -4.31
C PHE A 166 9.83 17.77 -4.71
N SER A 167 10.55 18.32 -3.73
CA SER A 167 11.82 19.01 -3.98
C SER A 167 12.86 18.12 -4.63
N LEU A 168 12.84 16.84 -4.28
CA LEU A 168 13.78 15.88 -4.87
C LEU A 168 13.51 15.61 -6.35
N LEU A 169 12.29 15.89 -6.81
CA LEU A 169 11.98 15.80 -8.24
C LEU A 169 12.88 16.73 -9.06
N ARG A 170 13.39 17.80 -8.44
CA ARG A 170 14.47 18.62 -9.04
C ARG A 170 15.55 17.77 -9.72
N TYR A 171 15.92 16.68 -9.06
CA TYR A 171 17.13 15.95 -9.41
C TYR A 171 16.83 14.78 -10.35
#